data_8ALT
#
_entry.id   8ALT
#
_cell.length_a   81.980
_cell.length_b   112.142
_cell.length_c   62.347
_cell.angle_alpha   90.00
_cell.angle_beta   90.00
_cell.angle_gamma   90.00
#
_symmetry.space_group_name_H-M   'C 2 2 21'
#
loop_
_entity.id
_entity.type
_entity.pdbx_description
1 polymer '14-3-3 protein sigma'
2 polymer 'Estrogen receptor'
3 non-polymer 'MAGNESIUM ION'
4 non-polymer 2-chloranyl-~{N}-[[1-[1-[(4-chlorophenyl)amino]-4,4-bis(fluoranyl)cyclohexyl]carbonylpiperidin-4-yl]methyl]ethanamide
5 water water
#
loop_
_entity_poly.entity_id
_entity_poly.type
_entity_poly.pdbx_seq_one_letter_code
_entity_poly.pdbx_strand_id
1 'polypeptide(L)'
;GAMGSMERASLIQKAKLAEQAERYEDMAAFMKGAVEKGEELSCEERNLLSVAYKNVVGGQRAAWRVLSSIEQKSNEEGSE
EKGPEVREYREKVETELQGVCDTVLGLLDSHLIKEAGDAESRVFYLKMKGDYYRYLAEVATGDDKKRIIDSARSAYQEAM
DISKKEMPPTNPIRLGLALNFSVFHYEIANSPEEAISLAKTTFDEAMADLHTLSEDSYKDSTLIMQLLRDNLTLWT
;
A
2 'polypeptide(L)' FPA(TPO)V B
#
loop_
_chem_comp.id
_chem_comp.type
_chem_comp.name
_chem_comp.formula
MG non-polymer 'MAGNESIUM ION' 'Mg 2'
MU9 non-polymer 2-chloranyl-~{N}-[[1-[1-[(4-chlorophenyl)amino]-4,4-bis(fluoranyl)cyclohexyl]carbonylpiperidin-4-yl]methyl]ethanamide 'C21 H27 Cl2 F2 N3 O2'
#
# COMPACT_ATOMS: atom_id res chain seq x y z
N GLY A 1 9.58 -22.50 6.34
CA GLY A 1 8.49 -21.67 6.88
C GLY A 1 7.39 -22.58 7.37
N ALA A 2 6.62 -22.07 8.33
CA ALA A 2 5.60 -22.83 9.02
C ALA A 2 4.48 -23.27 8.09
N MET A 3 4.31 -22.58 6.95
CA MET A 3 3.32 -22.99 5.96
C MET A 3 3.83 -23.92 4.87
N GLY A 4 5.11 -24.32 4.94
CA GLY A 4 5.72 -25.13 3.93
C GLY A 4 5.07 -26.48 3.71
N SER A 5 4.43 -27.03 4.75
CA SER A 5 3.77 -28.30 4.65
C SER A 5 2.34 -28.25 4.17
N MET A 6 1.75 -27.07 4.03
CA MET A 6 0.37 -26.94 3.63
C MET A 6 0.25 -26.73 2.14
N GLU A 7 -0.73 -27.41 1.53
CA GLU A 7 -1.01 -27.26 0.11
C GLU A 7 -1.29 -25.80 -0.25
N ARG A 8 -0.84 -25.41 -1.43
CA ARG A 8 -1.15 -24.07 -1.95
C ARG A 8 -2.66 -23.78 -1.89
N ALA A 9 -3.47 -24.72 -2.39
CA ALA A 9 -4.89 -24.47 -2.48
C ALA A 9 -5.50 -24.31 -1.08
N SER A 10 -5.00 -25.10 -0.13
CA SER A 10 -5.47 -25.01 1.25
C SER A 10 -5.12 -23.66 1.89
N LEU A 11 -3.93 -23.15 1.57
CA LEU A 11 -3.51 -21.84 2.09
C LEU A 11 -4.46 -20.75 1.54
N ILE A 12 -4.77 -20.81 0.24
CA ILE A 12 -5.68 -19.85 -0.37
C ILE A 12 -7.09 -19.96 0.25
N GLN A 13 -7.57 -21.20 0.44
CA GLN A 13 -8.88 -21.42 1.08
C GLN A 13 -8.90 -20.81 2.48
N LYS A 14 -7.84 -21.07 3.26
CA LYS A 14 -7.74 -20.54 4.59
C LYS A 14 -7.57 -19.03 4.66
N ALA A 15 -6.89 -18.45 3.67
CA ALA A 15 -6.80 -16.98 3.60
C ALA A 15 -8.21 -16.38 3.46
N LYS A 16 -9.07 -17.01 2.64
CA LYS A 16 -10.43 -16.54 2.44
C LYS A 16 -11.25 -16.66 3.71
N LEU A 17 -11.07 -17.77 4.44
CA LEU A 17 -11.72 -17.93 5.75
C LEU A 17 -11.25 -16.90 6.75
N ALA A 18 -9.94 -16.66 6.80
CA ALA A 18 -9.38 -15.70 7.70
C ALA A 18 -9.95 -14.30 7.43
N GLU A 19 -10.09 -13.94 6.15
CA GLU A 19 -10.71 -12.68 5.79
C GLU A 19 -12.15 -12.59 6.33
N GLN A 20 -12.94 -13.66 6.15
CA GLN A 20 -14.29 -13.66 6.65
C GLN A 20 -14.36 -13.48 8.17
N ALA A 21 -13.36 -14.05 8.86
CA ALA A 21 -13.23 -13.96 10.32
C ALA A 21 -12.51 -12.70 10.81
N GLU A 22 -12.11 -11.84 9.89
CA GLU A 22 -11.34 -10.62 10.19
C GLU A 22 -10.06 -10.93 10.98
N ARG A 23 -9.43 -12.03 10.59
CA ARG A 23 -8.14 -12.51 11.17
C ARG A 23 -7.03 -12.18 10.19
N TYR A 24 -6.67 -10.91 10.10
CA TYR A 24 -5.82 -10.45 8.99
C TYR A 24 -4.37 -10.92 9.16
N GLU A 25 -3.89 -11.07 10.40
CA GLU A 25 -2.55 -11.61 10.58
C GLU A 25 -2.47 -13.03 10.05
N ASP A 26 -3.48 -13.86 10.35
CA ASP A 26 -3.53 -15.20 9.82
C ASP A 26 -3.61 -15.17 8.29
N MET A 27 -4.47 -14.28 7.78
CA MET A 27 -4.67 -14.14 6.33
C MET A 27 -3.32 -13.88 5.65
N ALA A 28 -2.55 -12.97 6.22
CA ALA A 28 -1.28 -12.58 5.67
C ALA A 28 -0.27 -13.75 5.71
N ALA A 29 -0.26 -14.50 6.83
CA ALA A 29 0.61 -15.64 6.95
C ALA A 29 0.27 -16.74 5.94
N PHE A 30 -1.01 -16.96 5.71
CA PHE A 30 -1.44 -17.91 4.71
C PHE A 30 -0.98 -17.49 3.33
N MET A 31 -1.20 -16.21 3.01
CA MET A 31 -0.83 -15.71 1.68
C MET A 31 0.68 -15.70 1.47
N LYS A 32 1.46 -15.39 2.51
CA LYS A 32 2.90 -15.52 2.43
C LYS A 32 3.30 -16.95 2.08
N GLY A 33 2.67 -17.91 2.77
CA GLY A 33 2.88 -19.30 2.45
C GLY A 33 2.56 -19.63 1.00
N ALA A 34 1.43 -19.11 0.51
CA ALA A 34 1.03 -19.36 -0.86
C ALA A 34 2.05 -18.78 -1.85
N VAL A 35 2.49 -17.53 -1.62
CA VAL A 35 3.48 -16.92 -2.50
C VAL A 35 4.75 -17.79 -2.53
N GLU A 36 5.18 -18.27 -1.36
CA GLU A 36 6.41 -19.02 -1.25
C GLU A 36 6.36 -20.41 -1.91
N LYS A 37 5.19 -20.84 -2.36
CA LYS A 37 5.13 -22.02 -3.22
C LYS A 37 5.83 -21.82 -4.55
N GLY A 38 6.00 -20.55 -4.96
CA GLY A 38 6.80 -20.25 -6.14
C GLY A 38 6.04 -20.03 -7.41
N GLU A 39 4.75 -20.33 -7.45
CA GLU A 39 3.94 -20.12 -8.63
C GLU A 39 3.45 -18.68 -8.65
N GLU A 40 3.24 -18.16 -9.86
CA GLU A 40 2.60 -16.85 -10.02
C GLU A 40 1.20 -16.86 -9.37
N LEU A 41 0.71 -15.67 -9.03
CA LEU A 41 -0.59 -15.48 -8.38
C LEU A 41 -1.59 -15.01 -9.43
N SER A 42 -2.80 -15.54 -9.35
CA SER A 42 -3.90 -15.02 -10.10
C SER A 42 -4.34 -13.65 -9.59
N CYS A 43 -5.23 -12.98 -10.33
CA CYS A 43 -5.75 -11.73 -9.86
C CYS A 43 -6.38 -11.83 -8.46
N GLU A 44 -7.26 -12.80 -8.29
CA GLU A 44 -7.91 -12.98 -7.01
C GLU A 44 -6.87 -13.19 -5.90
N GLU A 45 -5.85 -14.01 -6.19
CA GLU A 45 -4.84 -14.28 -5.20
C GLU A 45 -4.00 -13.04 -4.87
N ARG A 46 -3.71 -12.23 -5.88
CA ARG A 46 -2.99 -10.94 -5.64
C ARG A 46 -3.84 -10.07 -4.73
N ASN A 47 -5.16 -10.06 -4.92
CA ASN A 47 -6.04 -9.28 -4.07
C ASN A 47 -6.02 -9.77 -2.64
N LEU A 48 -6.01 -11.08 -2.44
CA LEU A 48 -5.95 -11.62 -1.10
C LEU A 48 -4.66 -11.19 -0.40
N LEU A 49 -3.55 -11.30 -1.13
CA LEU A 49 -2.27 -10.90 -0.59
C LEU A 49 -2.29 -9.43 -0.16
N SER A 50 -2.76 -8.56 -1.06
CA SER A 50 -2.76 -7.13 -0.76
C SER A 50 -3.68 -6.79 0.39
N VAL A 51 -4.89 -7.36 0.40
CA VAL A 51 -5.86 -7.07 1.48
C VAL A 51 -5.29 -7.47 2.83
N ALA A 52 -4.65 -8.64 2.90
CA ALA A 52 -4.15 -9.14 4.15
C ALA A 52 -3.14 -8.17 4.73
N TYR A 53 -2.09 -7.88 3.95
CA TYR A 53 -1.01 -7.00 4.45
C TYR A 53 -1.49 -5.55 4.61
N LYS A 54 -2.41 -5.07 3.80
CA LYS A 54 -2.91 -3.71 3.98
C LYS A 54 -3.55 -3.55 5.34
N ASN A 55 -4.32 -4.57 5.74
CA ASN A 55 -5.01 -4.52 6.99
C ASN A 55 -4.03 -4.65 8.17
N VAL A 56 -3.04 -5.56 8.06
CA VAL A 56 -2.05 -5.71 9.15
C VAL A 56 -1.27 -4.40 9.30
N VAL A 57 -0.71 -3.89 8.21
CA VAL A 57 0.13 -2.68 8.34
C VAL A 57 -0.72 -1.48 8.67
N GLY A 58 -1.97 -1.45 8.17
CA GLY A 58 -2.86 -0.36 8.50
C GLY A 58 -3.09 -0.22 9.97
N GLY A 59 -3.26 -1.36 10.66
CA GLY A 59 -3.44 -1.31 12.10
C GLY A 59 -2.16 -0.86 12.80
N GLN A 60 -1.00 -1.30 12.30
CA GLN A 60 0.27 -0.90 12.89
C GLN A 60 0.51 0.60 12.70
N ARG A 61 0.16 1.12 11.52
CA ARG A 61 0.34 2.55 11.25
C ARG A 61 -0.57 3.36 12.19
N ALA A 62 -1.82 2.95 12.35
CA ALA A 62 -2.70 3.68 13.22
C ALA A 62 -2.14 3.69 14.63
N ALA A 63 -1.63 2.56 15.12
CA ALA A 63 -1.08 2.49 16.47
C ALA A 63 0.15 3.34 16.58
N TRP A 64 1.01 3.28 15.56
CA TRP A 64 2.23 4.09 15.57
C TRP A 64 1.90 5.56 15.66
N ARG A 65 0.87 6.01 14.94
CA ARG A 65 0.49 7.44 14.95
C ARG A 65 0.00 7.83 16.35
N VAL A 66 -0.77 6.97 17.02
CA VAL A 66 -1.24 7.28 18.37
C VAL A 66 -0.03 7.47 19.29
N LEU A 67 0.91 6.52 19.22
CA LEU A 67 2.07 6.55 20.08
C LEU A 67 3.00 7.73 19.78
N SER A 68 3.20 7.99 18.49
CA SER A 68 4.04 9.12 18.07
C SER A 68 3.46 10.44 18.59
N SER A 69 2.12 10.59 18.55
CA SER A 69 1.49 11.81 19.04
C SER A 69 1.70 11.98 20.53
N ILE A 70 1.58 10.89 21.30
CA ILE A 70 1.84 10.94 22.74
C ILE A 70 3.30 11.32 22.98
N GLU A 71 4.21 10.72 22.18
CA GLU A 71 5.64 10.98 22.33
C GLU A 71 5.96 12.47 22.05
N GLN A 72 5.38 13.01 20.99
CA GLN A 72 5.59 14.41 20.62
C GLN A 72 5.11 15.32 21.74
N LYS A 73 3.92 15.01 22.29
CA LYS A 73 3.38 15.80 23.40
C LYS A 73 4.29 15.78 24.62
N SER A 74 4.94 14.63 24.86
CA SER A 74 5.90 14.48 25.97
C SER A 74 7.13 15.33 25.84
N ASN A 75 7.47 15.71 24.60
CA ASN A 75 8.65 16.53 24.34
C ASN A 75 8.37 18.04 24.27
N GLU A 76 7.11 18.43 24.49
CA GLU A 76 6.70 19.84 24.62
C GLU A 76 7.10 20.47 25.95
N GLU A 77 7.28 21.80 25.93
CA GLU A 77 7.59 22.58 27.11
C GLU A 77 6.49 22.38 28.15
N GLY A 78 6.92 22.10 29.38
CA GLY A 78 6.01 21.97 30.51
C GLY A 78 5.47 20.58 30.69
N SER A 79 5.83 19.66 29.80
CA SER A 79 5.41 18.26 29.90
C SER A 79 6.33 17.58 30.92
N GLU A 80 5.71 16.82 31.84
CA GLU A 80 6.44 16.14 32.91
C GLU A 80 7.20 14.94 32.30
N GLU A 81 8.45 14.75 32.73
CA GLU A 81 9.28 13.61 32.35
C GLU A 81 8.67 12.31 32.86
N LYS A 82 8.43 11.37 31.97
CA LYS A 82 7.82 10.08 32.33
C LYS A 82 8.68 8.88 31.99
N GLY A 83 9.92 9.14 31.61
CA GLY A 83 10.88 8.08 31.38
C GLY A 83 10.87 7.61 29.94
N PRO A 84 11.54 6.49 29.67
CA PRO A 84 11.76 6.04 28.30
C PRO A 84 10.60 5.23 27.70
N GLU A 85 9.54 4.97 28.48
CA GLU A 85 8.54 3.99 28.08
C GLU A 85 7.79 4.34 26.81
N VAL A 86 7.42 5.61 26.62
CA VAL A 86 6.67 5.98 25.43
C VAL A 86 7.53 5.74 24.19
N ARG A 87 8.78 6.21 24.22
CA ARG A 87 9.71 6.00 23.09
C ARG A 87 9.90 4.49 22.88
N GLU A 88 10.15 3.73 23.95
CA GLU A 88 10.38 2.31 23.80
C GLU A 88 9.21 1.64 23.10
N TYR A 89 8.00 1.95 23.52
CA TYR A 89 6.82 1.25 22.97
C TYR A 89 6.57 1.71 21.54
N ARG A 90 6.75 2.99 21.27
CA ARG A 90 6.64 3.46 19.86
C ARG A 90 7.69 2.73 19.01
N GLU A 91 8.92 2.60 19.51
CA GLU A 91 9.94 1.84 18.83
C GLU A 91 9.57 0.37 18.59
N LYS A 92 8.91 -0.25 19.57
CA LYS A 92 8.50 -1.63 19.44
C LYS A 92 7.50 -1.77 18.29
N VAL A 93 6.49 -0.92 18.27
CA VAL A 93 5.50 -0.94 17.24
C VAL A 93 6.13 -0.63 15.88
N GLU A 94 7.00 0.38 15.85
CA GLU A 94 7.71 0.73 14.66
C GLU A 94 8.53 -0.43 14.09
N THR A 95 9.24 -1.15 14.96
CA THR A 95 10.07 -2.25 14.51
C THR A 95 9.19 -3.37 13.93
N GLU A 96 8.04 -3.62 14.55
CA GLU A 96 7.14 -4.64 14.03
C GLU A 96 6.60 -4.22 12.66
N LEU A 97 6.22 -2.95 12.52
CA LEU A 97 5.78 -2.39 11.24
C LEU A 97 6.82 -2.55 10.15
N GLN A 98 8.06 -2.17 10.47
CA GLN A 98 9.16 -2.28 9.53
C GLN A 98 9.34 -3.75 9.13
N GLY A 99 9.19 -4.66 10.10
CA GLY A 99 9.29 -6.07 9.78
C GLY A 99 8.28 -6.55 8.77
N VAL A 100 7.03 -6.11 8.93
CA VAL A 100 5.96 -6.49 8.01
C VAL A 100 6.27 -5.91 6.62
N CYS A 101 6.71 -4.64 6.57
CA CYS A 101 7.04 -4.02 5.32
C CYS A 101 8.17 -4.77 4.63
N ASP A 102 9.20 -5.14 5.40
CA ASP A 102 10.31 -5.89 4.84
C ASP A 102 9.86 -7.26 4.32
N THR A 103 8.93 -7.89 5.03
CA THR A 103 8.39 -9.18 4.57
C THR A 103 7.68 -9.04 3.22
N VAL A 104 6.82 -8.01 3.10
CA VAL A 104 6.11 -7.82 1.86
C VAL A 104 7.10 -7.49 0.72
N LEU A 105 8.02 -6.55 0.97
CA LEU A 105 8.99 -6.19 -0.02
C LEU A 105 9.80 -7.41 -0.44
N GLY A 106 10.11 -8.27 0.52
CA GLY A 106 10.83 -9.51 0.23
C GLY A 106 10.07 -10.45 -0.69
N LEU A 107 8.76 -10.57 -0.50
CA LEU A 107 7.95 -11.41 -1.39
C LEU A 107 7.94 -10.83 -2.79
N LEU A 108 7.85 -9.49 -2.88
CA LEU A 108 7.82 -8.83 -4.17
C LEU A 108 9.14 -9.02 -4.93
N ASP A 109 10.23 -8.94 -4.18
CA ASP A 109 11.58 -9.06 -4.76
C ASP A 109 11.97 -10.52 -5.01
N SER A 110 11.34 -11.47 -4.33
CA SER A 110 11.71 -12.88 -4.39
C SER A 110 10.45 -13.75 -4.44
N HIS A 111 9.75 -13.82 -5.59
CA HIS A 111 10.20 -13.36 -6.89
C HIS A 111 8.99 -12.84 -7.70
N LEU A 112 8.05 -12.18 -7.03
CA LEU A 112 6.82 -11.84 -7.70
C LEU A 112 6.99 -10.88 -8.87
N ILE A 113 7.73 -9.80 -8.65
CA ILE A 113 7.87 -8.76 -9.66
C ILE A 113 8.56 -9.35 -10.90
N LYS A 114 9.68 -10.06 -10.69
CA LYS A 114 10.46 -10.49 -11.83
C LYS A 114 9.70 -11.46 -12.74
N GLU A 115 8.77 -12.23 -12.17
CA GLU A 115 7.99 -13.19 -12.96
C GLU A 115 6.69 -12.55 -13.62
N ALA A 116 6.40 -11.26 -13.20
CA ALA A 116 5.15 -10.60 -13.62
C ALA A 116 5.35 -9.87 -14.95
N GLY A 117 4.81 -10.46 -16.01
CA GLY A 117 4.97 -9.89 -17.34
C GLY A 117 3.76 -9.18 -17.91
N ASP A 118 2.58 -9.54 -17.40
CA ASP A 118 1.39 -8.88 -17.87
C ASP A 118 1.30 -7.55 -17.16
N ALA A 119 0.81 -6.53 -17.87
CA ALA A 119 0.73 -5.21 -17.27
C ALA A 119 -0.04 -5.20 -15.95
N GLU A 120 -1.16 -5.92 -15.88
CA GLU A 120 -2.01 -5.85 -14.71
C GLU A 120 -1.30 -6.42 -13.49
N SER A 121 -0.53 -7.49 -13.66
CA SER A 121 0.17 -8.03 -12.52
C SER A 121 1.35 -7.16 -12.15
N ARG A 122 2.15 -6.77 -13.15
CA ARG A 122 3.38 -6.03 -12.87
C ARG A 122 3.06 -4.67 -12.24
N VAL A 123 2.07 -3.97 -12.77
CA VAL A 123 1.66 -2.70 -12.17
C VAL A 123 1.18 -2.88 -10.74
N PHE A 124 0.37 -3.91 -10.51
CA PHE A 124 -0.14 -4.19 -9.18
C PHE A 124 0.99 -4.38 -8.17
N TYR A 125 1.97 -5.21 -8.52
CA TYR A 125 3.12 -5.48 -7.63
C TYR A 125 4.02 -4.25 -7.45
N LEU A 126 4.24 -3.49 -8.50
CA LEU A 126 5.07 -2.30 -8.38
C LEU A 126 4.37 -1.26 -7.51
N LYS A 127 3.06 -1.13 -7.63
CA LYS A 127 2.28 -0.29 -6.73
C LYS A 127 2.48 -0.73 -5.29
N MET A 128 2.35 -2.03 -5.02
CA MET A 128 2.59 -2.53 -3.66
C MET A 128 4.00 -2.15 -3.20
N LYS A 129 5.00 -2.33 -4.07
CA LYS A 129 6.38 -1.98 -3.68
C LYS A 129 6.44 -0.51 -3.27
N GLY A 130 5.82 0.36 -4.04
CA GLY A 130 5.77 1.78 -3.68
C GLY A 130 5.09 2.01 -2.35
N ASP A 131 3.96 1.33 -2.14
CA ASP A 131 3.18 1.47 -0.93
C ASP A 131 4.00 1.09 0.29
N TYR A 132 4.69 -0.05 0.27
CA TYR A 132 5.40 -0.53 1.47
C TYR A 132 6.68 0.29 1.69
N TYR A 133 7.34 0.77 0.64
CA TYR A 133 8.40 1.76 0.87
C TYR A 133 7.81 3.05 1.44
N ARG A 134 6.64 3.46 1.00
CA ARG A 134 5.97 4.64 1.57
C ARG A 134 5.75 4.44 3.07
N TYR A 135 5.26 3.27 3.49
CA TYR A 135 5.06 3.03 4.93
C TYR A 135 6.40 3.09 5.67
N LEU A 136 7.46 2.53 5.09
CA LEU A 136 8.77 2.67 5.69
C LEU A 136 9.18 4.15 5.82
N ALA A 137 8.85 4.94 4.80
CA ALA A 137 9.21 6.36 4.79
C ALA A 137 8.48 7.12 5.87
N GLU A 138 7.24 6.71 6.17
CA GLU A 138 6.44 7.40 7.16
C GLU A 138 7.14 7.40 8.51
N VAL A 139 7.93 6.35 8.81
CA VAL A 139 8.55 6.23 10.12
C VAL A 139 10.06 6.45 10.11
N ALA A 140 10.62 6.69 8.93
CA ALA A 140 12.06 6.87 8.76
C ALA A 140 12.52 8.22 9.22
N THR A 141 13.64 8.22 9.94
CA THR A 141 14.27 9.43 10.47
C THR A 141 15.77 9.49 10.26
N GLY A 142 16.38 8.41 9.73
CA GLY A 142 17.85 8.29 9.66
C GLY A 142 18.55 8.52 8.31
N ASP A 143 19.78 7.99 8.19
CA ASP A 143 20.73 8.19 7.03
C ASP A 143 20.05 7.73 5.72
N ASP A 144 19.18 6.73 5.81
CA ASP A 144 18.57 6.13 4.64
C ASP A 144 17.19 6.69 4.25
N LYS A 145 16.69 7.69 4.99
CA LYS A 145 15.32 8.16 4.73
C LYS A 145 15.18 8.59 3.25
N LYS A 146 16.14 9.37 2.72
CA LYS A 146 16.07 9.78 1.33
C LYS A 146 16.03 8.62 0.36
N ARG A 147 16.85 7.60 0.61
CA ARG A 147 16.90 6.41 -0.27
C ARG A 147 15.56 5.68 -0.13
N ILE A 148 14.94 5.63 1.05
CA ILE A 148 13.67 4.94 1.17
C ILE A 148 12.60 5.64 0.36
N ILE A 149 12.55 6.97 0.47
CA ILE A 149 11.62 7.79 -0.30
C ILE A 149 11.84 7.59 -1.79
N ASP A 150 13.11 7.56 -2.20
CA ASP A 150 13.39 7.38 -3.61
C ASP A 150 12.98 6.00 -4.10
N SER A 151 13.11 4.97 -3.25
CA SER A 151 12.68 3.62 -3.61
C SER A 151 11.19 3.58 -3.85
N ALA A 152 10.43 4.26 -2.99
CA ALA A 152 8.98 4.35 -3.20
C ALA A 152 8.68 5.05 -4.52
N ARG A 153 9.29 6.22 -4.72
CA ARG A 153 9.07 7.00 -5.94
C ARG A 153 9.38 6.14 -7.18
N SER A 154 10.52 5.46 -7.19
CA SER A 154 10.95 4.71 -8.37
C SER A 154 9.96 3.59 -8.70
N ALA A 155 9.46 2.89 -7.68
CA ALA A 155 8.54 1.79 -7.89
C ALA A 155 7.22 2.36 -8.46
N TYR A 156 6.71 3.42 -7.81
CA TYR A 156 5.48 4.07 -8.31
C TYR A 156 5.68 4.54 -9.75
N GLN A 157 6.84 5.15 -10.06
CA GLN A 157 7.04 5.70 -11.38
C GLN A 157 7.05 4.61 -12.46
N GLU A 158 7.74 3.49 -12.18
CA GLU A 158 7.74 2.41 -13.14
C GLU A 158 6.29 1.89 -13.36
N ALA A 159 5.53 1.77 -12.27
CA ALA A 159 4.15 1.33 -12.37
C ALA A 159 3.33 2.33 -13.21
N MET A 160 3.56 3.63 -12.99
CA MET A 160 2.83 4.64 -13.75
C MET A 160 3.17 4.54 -15.22
N ASP A 161 4.45 4.35 -15.53
CA ASP A 161 4.86 4.33 -16.93
C ASP A 161 4.15 3.15 -17.68
N ILE A 162 4.19 1.96 -17.06
CA ILE A 162 3.52 0.80 -17.64
C ILE A 162 2.02 1.03 -17.75
N SER A 163 1.41 1.55 -16.68
CA SER A 163 -0.03 1.74 -16.66
C SER A 163 -0.49 2.67 -17.78
N LYS A 164 0.26 3.75 -18.01
CA LYS A 164 -0.14 4.69 -19.03
C LYS A 164 -0.02 4.12 -20.42
N LYS A 165 0.96 3.25 -20.65
CA LYS A 165 1.18 2.61 -21.96
C LYS A 165 0.16 1.51 -22.22
N GLU A 166 -0.17 0.74 -21.19
CA GLU A 166 -0.84 -0.55 -21.34
C GLU A 166 -2.30 -0.72 -20.88
N MET A 167 -2.76 0.26 -20.09
CA MET A 167 -4.08 0.17 -19.47
C MET A 167 -4.92 1.39 -19.81
N PRO A 168 -6.25 1.22 -19.91
CA PRO A 168 -7.10 2.39 -20.12
C PRO A 168 -7.16 3.27 -18.88
N PRO A 169 -7.54 4.55 -19.04
CA PRO A 169 -7.51 5.49 -17.92
C PRO A 169 -8.52 5.15 -16.81
N THR A 170 -9.52 4.32 -17.10
CA THR A 170 -10.48 3.87 -16.08
C THR A 170 -10.09 2.59 -15.36
N ASN A 171 -8.99 1.96 -15.78
CA ASN A 171 -8.65 0.68 -15.19
C ASN A 171 -8.48 0.85 -13.69
N PRO A 172 -9.10 0.04 -12.80
CA PRO A 172 -9.01 0.28 -11.36
C PRO A 172 -7.60 0.21 -10.82
N ILE A 173 -6.73 -0.61 -11.39
CA ILE A 173 -5.35 -0.67 -10.91
C ILE A 173 -4.64 0.63 -11.23
N ARG A 174 -4.83 1.12 -12.46
CA ARG A 174 -4.24 2.41 -12.86
C ARG A 174 -4.75 3.52 -11.93
N LEU A 175 -6.04 3.53 -11.67
CA LEU A 175 -6.64 4.53 -10.78
C LEU A 175 -6.09 4.45 -9.37
N GLY A 176 -6.02 3.24 -8.81
CA GLY A 176 -5.56 3.07 -7.47
C GLY A 176 -4.09 3.42 -7.31
N LEU A 177 -3.29 3.07 -8.29
CA LEU A 177 -1.88 3.46 -8.34
C LEU A 177 -1.78 4.99 -8.29
N ALA A 178 -2.53 5.67 -9.15
CA ALA A 178 -2.46 7.13 -9.22
C ALA A 178 -2.91 7.77 -7.92
N LEU A 179 -3.98 7.23 -7.32
CA LEU A 179 -4.45 7.69 -6.02
C LEU A 179 -3.30 7.66 -5.01
N ASN A 180 -2.67 6.50 -4.90
CA ASN A 180 -1.63 6.31 -3.90
C ASN A 180 -0.36 7.11 -4.18
N PHE A 181 0.05 7.19 -5.45
CA PHE A 181 1.21 7.96 -5.83
C PHE A 181 0.96 9.43 -5.53
N SER A 182 -0.27 9.90 -5.76
CA SER A 182 -0.63 11.27 -5.41
C SER A 182 -0.49 11.50 -3.91
N VAL A 183 -0.97 10.57 -3.09
CA VAL A 183 -0.75 10.65 -1.64
C VAL A 183 0.74 10.66 -1.29
N PHE A 184 1.55 9.81 -1.92
CA PHE A 184 2.98 9.86 -1.76
C PHE A 184 3.51 11.28 -1.98
N HIS A 185 3.12 11.92 -3.08
CA HIS A 185 3.60 13.25 -3.36
C HIS A 185 3.21 14.20 -2.25
N TYR A 186 1.97 14.11 -1.79
CA TYR A 186 1.43 15.08 -0.79
C TYR A 186 2.07 14.88 0.59
N GLU A 187 2.16 13.63 1.03
CA GLU A 187 2.48 13.27 2.42
C GLU A 187 3.96 12.96 2.67
N ILE A 188 4.64 12.43 1.63
CA ILE A 188 6.01 11.95 1.77
C ILE A 188 7.02 12.87 1.07
N ALA A 189 6.71 13.28 -0.16
CA ALA A 189 7.67 14.01 -1.00
C ALA A 189 7.53 15.52 -0.89
N ASN A 190 6.64 16.00 -0.03
CA ASN A 190 6.45 17.45 0.15
C ASN A 190 6.18 18.15 -1.15
N SER A 191 5.30 17.54 -1.96
CA SER A 191 5.00 18.00 -3.31
C SER A 191 3.49 18.09 -3.47
N PRO A 192 2.80 18.96 -2.72
CA PRO A 192 1.35 19.01 -2.79
C PRO A 192 0.87 19.39 -4.21
N GLU A 193 1.55 20.29 -4.90
CA GLU A 193 1.12 20.61 -6.25
C GLU A 193 1.16 19.43 -7.20
N GLU A 194 2.17 18.60 -7.10
CA GLU A 194 2.27 17.41 -7.92
C GLU A 194 1.13 16.43 -7.55
N ALA A 195 0.86 16.32 -6.25
CA ALA A 195 -0.23 15.46 -5.76
C ALA A 195 -1.57 15.86 -6.34
N ILE A 196 -1.84 17.16 -6.31
CA ILE A 196 -3.11 17.69 -6.79
C ILE A 196 -3.21 17.55 -8.31
N SER A 197 -2.14 17.86 -9.03
CA SER A 197 -2.13 17.75 -10.50
C SER A 197 -2.39 16.28 -10.91
N LEU A 198 -1.70 15.34 -10.24
CA LEU A 198 -1.88 13.94 -10.57
C LEU A 198 -3.33 13.52 -10.29
N ALA A 199 -3.88 13.84 -9.13
CA ALA A 199 -5.22 13.44 -8.84
C ALA A 199 -6.22 14.02 -9.85
N LYS A 200 -6.07 15.29 -10.20
CA LYS A 200 -7.00 15.96 -11.10
C LYS A 200 -6.92 15.37 -12.51
N THR A 201 -5.70 15.22 -13.02
CA THR A 201 -5.54 14.69 -14.37
C THR A 201 -6.04 13.25 -14.44
N THR A 202 -5.76 12.46 -13.41
CA THR A 202 -6.24 11.09 -13.40
C THR A 202 -7.77 11.07 -13.41
N PHE A 203 -8.40 11.88 -12.57
CA PHE A 203 -9.86 11.94 -12.49
C PHE A 203 -10.43 12.31 -13.85
N ASP A 204 -9.89 13.36 -14.47
CA ASP A 204 -10.47 13.90 -15.68
C ASP A 204 -10.31 12.93 -16.86
N GLU A 205 -9.17 12.26 -16.94
CA GLU A 205 -8.96 11.30 -18.00
C GLU A 205 -9.83 10.06 -17.81
N ALA A 206 -10.07 9.66 -16.57
CA ALA A 206 -11.01 8.58 -16.32
C ALA A 206 -12.43 8.96 -16.71
N MET A 207 -12.86 10.15 -16.32
CA MET A 207 -14.19 10.65 -16.65
C MET A 207 -14.49 10.49 -18.13
N ALA A 208 -13.52 10.89 -18.95
CA ALA A 208 -13.64 10.84 -20.40
C ALA A 208 -13.70 9.45 -21.01
N ASP A 209 -13.34 8.42 -20.25
CA ASP A 209 -13.34 7.03 -20.72
C ASP A 209 -14.49 6.20 -20.14
N LEU A 210 -15.28 6.76 -19.22
CA LEU A 210 -16.36 6.00 -18.61
C LEU A 210 -17.36 5.49 -19.62
N HIS A 211 -17.53 6.23 -20.73
CA HIS A 211 -18.55 5.86 -21.72
C HIS A 211 -18.32 4.53 -22.36
N THR A 212 -17.10 4.00 -22.24
CA THR A 212 -16.71 2.73 -22.85
C THR A 212 -17.07 1.53 -21.99
N LEU A 213 -17.51 1.77 -20.75
CA LEU A 213 -17.59 0.72 -19.75
C LEU A 213 -18.97 0.14 -19.58
N SER A 214 -19.00 -1.14 -19.21
CA SER A 214 -20.20 -1.77 -18.70
C SER A 214 -20.62 -1.13 -17.37
N GLU A 215 -21.84 -1.43 -16.90
CA GLU A 215 -22.32 -0.96 -15.61
C GLU A 215 -21.41 -1.40 -14.47
N ASP A 216 -20.97 -2.65 -14.49
CA ASP A 216 -20.17 -3.14 -13.40
C ASP A 216 -18.78 -2.50 -13.40
N SER A 217 -18.17 -2.33 -14.58
CA SER A 217 -16.87 -1.66 -14.66
C SER A 217 -16.98 -0.20 -14.25
N TYR A 218 -18.05 0.45 -14.69
CA TYR A 218 -18.37 1.83 -14.29
C TYR A 218 -18.42 1.95 -12.77
N LYS A 219 -19.08 1.01 -12.10
CA LYS A 219 -19.16 1.07 -10.65
C LYS A 219 -17.75 1.00 -10.02
N ASP A 220 -16.91 0.08 -10.50
CA ASP A 220 -15.57 -0.08 -9.98
C ASP A 220 -14.75 1.20 -10.18
N SER A 221 -14.75 1.75 -11.39
CA SER A 221 -13.96 2.91 -11.70
C SER A 221 -14.42 4.15 -10.93
N THR A 222 -15.73 4.39 -10.88
CA THR A 222 -16.25 5.57 -10.22
C THR A 222 -16.00 5.54 -8.72
N LEU A 223 -15.95 4.37 -8.09
CA LEU A 223 -15.66 4.31 -6.67
C LEU A 223 -14.28 4.93 -6.41
N ILE A 224 -13.28 4.53 -7.21
CA ILE A 224 -11.92 5.03 -6.97
C ILE A 224 -11.84 6.49 -7.42
N MET A 225 -12.55 6.87 -8.48
CA MET A 225 -12.61 8.30 -8.85
C MET A 225 -13.11 9.17 -7.70
N GLN A 226 -14.08 8.68 -6.93
CA GLN A 226 -14.58 9.42 -5.83
C GLN A 226 -13.53 9.58 -4.75
N LEU A 227 -12.65 8.60 -4.57
CA LEU A 227 -11.54 8.72 -3.60
C LEU A 227 -10.57 9.83 -4.07
N LEU A 228 -10.30 9.89 -5.38
CA LEU A 228 -9.49 10.97 -5.91
C LEU A 228 -10.14 12.30 -5.59
N ARG A 229 -11.44 12.41 -5.86
CA ARG A 229 -12.19 13.67 -5.57
C ARG A 229 -12.14 13.97 -4.07
N ASP A 230 -12.26 12.95 -3.22
CA ASP A 230 -12.24 13.18 -1.78
C ASP A 230 -10.90 13.82 -1.37
N ASN A 231 -9.81 13.27 -1.89
CA ASN A 231 -8.48 13.82 -1.59
C ASN A 231 -8.35 15.23 -2.11
N LEU A 232 -8.80 15.47 -3.34
CA LEU A 232 -8.75 16.82 -3.88
C LEU A 232 -9.52 17.80 -3.01
N THR A 233 -10.68 17.39 -2.48
CA THR A 233 -11.45 18.23 -1.58
C THR A 233 -10.71 18.52 -0.27
N LEU A 234 -10.01 17.52 0.24
CA LEU A 234 -9.20 17.69 1.43
C LEU A 234 -8.08 18.71 1.20
N TRP A 235 -7.51 18.71 -0.01
CA TRP A 235 -6.26 19.44 -0.29
C TRP A 235 -6.44 20.80 -0.91
N THR A 236 -7.66 21.14 -1.31
CA THR A 236 -7.96 22.40 -1.95
C THR A 236 -9.03 23.20 -1.21
N PHE B 1 -6.66 11.74 7.44
CA PHE B 1 -5.64 11.12 6.56
C PHE B 1 -6.28 10.83 5.19
N PRO B 2 -5.51 10.96 4.10
CA PRO B 2 -6.08 10.83 2.77
C PRO B 2 -6.34 9.37 2.36
N ALA B 3 -7.20 9.23 1.37
CA ALA B 3 -7.58 7.93 0.91
C ALA B 3 -6.50 7.28 0.08
N TPO B 4 -6.24 6.00 0.37
CA TPO B 4 -5.41 5.10 -0.44
CB TPO B 4 -3.99 4.97 0.14
CG2 TPO B 4 -3.25 6.30 0.11
OG1 TPO B 4 -4.15 4.51 1.51
P TPO B 4 -2.91 4.01 2.39
O1P TPO B 4 -3.58 3.26 3.51
O2P TPO B 4 -2.14 5.22 2.86
O3P TPO B 4 -2.06 3.13 1.51
C TPO B 4 -6.11 3.75 -0.54
O TPO B 4 -6.96 3.44 0.29
N VAL B 5 -5.73 2.98 -1.56
CA VAL B 5 -6.29 1.66 -1.77
C VAL B 5 -5.24 0.60 -1.87
MG MG C . 3.72 12.96 -14.93
MG MG D . 1.09 -29.31 -3.76
MG MG E . 13.35 2.89 14.96
C13 MU9 F . -5.89 -2.11 -5.26
C18 MU9 F . -11.86 -2.42 -2.44
C17 MU9 F . -12.04 -0.95 -2.25
C16 MU9 F . -11.09 -0.08 -3.01
C15 MU9 F . -11.13 -0.44 -4.49
C19 MU9 F . -11.81 -2.79 -3.91
C20 MU9 F . -10.15 -4.51 -6.13
C11 MU9 F . -7.16 -0.87 -6.89
C12 MU9 F . -5.98 -1.40 -6.43
C1 MU9 F . -6.73 -7.22 -9.83
C2 MU9 F . -6.34 -8.65 -9.57
C3 MU9 F . -7.55 -5.11 -8.91
C4 MU9 F . -8.91 -4.98 -8.27
C5 MU9 F . -9.62 -3.79 -8.89
C6 MU9 F . -10.95 -3.55 -8.22
C7 MU9 F . -11.06 -2.19 -6.19
C8 MU9 F . -10.81 -1.93 -4.71
C9 MU9 F . -8.28 -1.87 -4.99
C10 MU9 F . -8.32 -1.12 -6.18
C14 MU9 F . -7.05 -2.38 -4.55
O1 MU9 F . -6.81 -6.79 -10.98
N1 MU9 F . -7.05 -6.47 -8.79
N2 MU9 F . -10.73 -3.35 -6.79
O2 MU9 F . -11.58 -1.33 -6.89
N3 MU9 F . -9.43 -2.19 -4.27
CL2 MU9 F . -4.54 -1.11 -7.35
F1 MU9 F . -13.36 -0.59 -2.56
F2 MU9 F . -11.89 -0.65 -0.92
C21 MU9 F . -8.80 -4.86 -6.75
#